data_6ER2
#
_entry.id   6ER2
#
_cell.length_a   48.683
_cell.length_b   72.745
_cell.length_c   51.292
_cell.angle_alpha   90.000
_cell.angle_beta   104.940
_cell.angle_gamma   90.000
#
_symmetry.space_group_name_H-M   'P 1 21 1'
#
loop_
_entity.id
_entity.type
_entity.pdbx_description
1 polymer 'BNR/Asp-box repeat protein'
2 water water
#
_entity_poly.entity_id   1
_entity_poly.type   'polypeptide(L)'
_entity_poly.pdbx_seq_one_letter_code
;GSVLQKEGIEISEGTGYDLSKEPGAATVKALEQGTIVISYKTTSENAIQSLLSVGNGTKGNQDRHFHLYITNAGGVGMEL
RNTDGEFKYTLDCPAAVRGSYKGERVSNTVALKADKENKQYKLFANGELIATLDQEAFKFISDITGVDNVMLGGTMRQGT
VAYPFGGSIERMQVYRDVLSDDELIAVTGK
;
_entity_poly.pdbx_strand_id   A,B
#
# COMPACT_ATOMS: atom_id res chain seq x y z
N GLY A 1 1.67 13.05 -26.74
CA GLY A 1 2.28 14.23 -26.06
C GLY A 1 1.90 14.38 -24.60
N SER A 2 2.83 14.88 -23.79
CA SER A 2 2.54 15.14 -22.39
C SER A 2 1.52 16.26 -22.27
N VAL A 3 0.72 16.22 -21.19
CA VAL A 3 -0.17 17.34 -20.89
C VAL A 3 0.51 18.36 -19.99
N LEU A 4 1.59 17.95 -19.31
CA LEU A 4 2.37 18.86 -18.46
C LEU A 4 3.80 18.36 -18.42
N GLN A 5 4.77 19.27 -18.59
CA GLN A 5 6.19 18.89 -18.63
C GLN A 5 7.02 19.98 -17.99
N LYS A 6 8.02 19.58 -17.20
CA LYS A 6 9.01 20.52 -16.64
C LYS A 6 10.35 19.88 -16.65
N GLU A 7 11.39 20.70 -16.80
CA GLU A 7 12.76 20.21 -16.84
C GLU A 7 13.72 21.12 -16.08
N GLY A 8 14.73 20.53 -15.47
CA GLY A 8 15.83 21.29 -14.86
C GLY A 8 15.44 22.11 -13.66
N ILE A 9 14.64 21.53 -12.80
CA ILE A 9 14.10 22.23 -11.65
C ILE A 9 14.83 21.77 -10.39
N GLU A 10 15.52 22.71 -9.74
N GLU A 10 15.53 22.70 -9.74
CA GLU A 10 16.12 22.44 -8.43
CA GLU A 10 16.18 22.42 -8.45
C GLU A 10 15.10 22.77 -7.37
C GLU A 10 15.28 22.87 -7.29
N ILE A 11 15.14 22.01 -6.29
CA ILE A 11 14.26 22.23 -5.15
C ILE A 11 15.05 22.00 -3.88
N SER A 12 15.04 23.01 -3.00
CA SER A 12 15.62 22.79 -1.70
C SER A 12 14.56 22.16 -0.81
N GLU A 13 15.05 21.34 0.09
CA GLU A 13 14.21 20.58 0.99
C GLU A 13 13.21 21.46 1.76
N GLY A 14 11.92 21.21 1.56
CA GLY A 14 10.87 21.94 2.23
C GLY A 14 10.23 23.01 1.39
N THR A 15 10.86 23.37 0.26
CA THR A 15 10.41 24.50 -0.53
C THR A 15 9.27 24.09 -1.48
N GLY A 16 9.43 22.93 -2.10
CA GLY A 16 8.55 22.47 -3.19
C GLY A 16 8.69 23.38 -4.41
N TYR A 17 7.92 23.09 -5.44
CA TYR A 17 7.88 23.91 -6.63
C TYR A 17 6.46 23.80 -7.21
N ASP A 18 5.70 24.89 -7.10
CA ASP A 18 4.27 24.88 -7.44
C ASP A 18 4.07 24.88 -8.96
N LEU A 19 3.23 23.97 -9.43
CA LEU A 19 2.86 23.90 -10.83
C LEU A 19 1.40 24.22 -11.07
N SER A 20 0.70 24.65 -10.04
CA SER A 20 -0.77 24.78 -10.07
C SER A 20 -1.31 25.73 -11.14
N LYS A 21 -0.53 26.72 -11.55
CA LYS A 21 -0.97 27.72 -12.53
C LYS A 21 -0.50 27.43 -13.95
N GLU A 22 0.28 26.36 -14.12
CA GLU A 22 0.88 26.07 -15.41
C GLU A 22 -0.20 25.58 -16.36
N PRO A 23 -0.12 25.97 -17.65
CA PRO A 23 -1.03 25.36 -18.63
C PRO A 23 -0.87 23.85 -18.54
N GLY A 24 -1.99 23.13 -18.51
CA GLY A 24 -1.96 21.69 -18.31
C GLY A 24 -2.22 21.21 -16.90
N ALA A 25 -1.98 22.05 -15.91
CA ALA A 25 -2.26 21.70 -14.53
C ALA A 25 -3.72 21.29 -14.32
N ALA A 26 -4.66 22.00 -14.93
CA ALA A 26 -6.08 21.67 -14.75
C ALA A 26 -6.37 20.24 -15.21
N THR A 27 -5.75 19.86 -16.32
CA THR A 27 -5.89 18.52 -16.87
C THR A 27 -5.31 17.48 -15.91
N VAL A 28 -4.15 17.79 -15.36
CA VAL A 28 -3.52 16.90 -14.36
C VAL A 28 -4.38 16.73 -13.10
N LYS A 29 -5.03 17.80 -12.67
CA LYS A 29 -5.89 17.75 -11.46
C LYS A 29 -7.15 16.90 -11.58
N ALA A 30 -7.48 16.50 -12.82
CA ALA A 30 -8.69 15.72 -13.11
C ALA A 30 -8.41 14.39 -13.81
N LEU A 31 -7.17 13.92 -13.77
CA LEU A 31 -6.85 12.70 -14.50
C LEU A 31 -7.64 11.49 -14.03
N GLU A 32 -8.26 10.81 -15.00
CA GLU A 32 -8.96 9.54 -14.73
C GLU A 32 -8.04 8.35 -14.88
N GLN A 33 -6.94 8.57 -15.58
CA GLN A 33 -5.88 7.58 -15.79
C GLN A 33 -4.69 8.33 -16.34
N GLY A 34 -3.57 7.65 -16.54
CA GLY A 34 -2.44 8.29 -17.18
C GLY A 34 -1.09 7.75 -16.80
N THR A 35 -0.07 8.50 -17.15
CA THR A 35 1.33 8.04 -16.98
C THR A 35 2.16 9.22 -16.51
N ILE A 36 3.06 8.94 -15.59
CA ILE A 36 3.95 9.96 -15.01
C ILE A 36 5.38 9.43 -15.12
N VAL A 37 6.30 10.19 -15.72
CA VAL A 37 7.68 9.76 -15.91
C VAL A 37 8.57 10.87 -15.32
N ILE A 38 9.47 10.49 -14.41
CA ILE A 38 10.30 11.47 -13.72
C ILE A 38 11.75 11.01 -13.57
N SER A 39 12.68 11.85 -14.04
CA SER A 39 14.09 11.67 -13.76
C SER A 39 14.50 12.67 -12.66
N TYR A 40 15.24 12.21 -11.68
CA TYR A 40 15.56 13.00 -10.51
C TYR A 40 16.88 12.57 -9.87
N LYS A 41 17.40 13.45 -9.01
CA LYS A 41 18.53 13.17 -8.12
C LYS A 41 18.20 13.76 -6.78
N THR A 42 18.15 12.93 -5.75
CA THR A 42 17.83 13.45 -4.42
C THR A 42 19.10 13.72 -3.66
N THR A 43 19.07 14.80 -2.89
CA THR A 43 20.13 15.12 -1.95
C THR A 43 19.62 15.10 -0.52
N SER A 44 18.37 14.68 -0.32
CA SER A 44 17.71 14.76 0.99
C SER A 44 17.69 13.41 1.66
N GLU A 45 17.82 13.41 3.00
CA GLU A 45 17.62 12.19 3.81
C GLU A 45 16.21 11.99 4.33
N ASN A 46 15.26 12.83 3.90
CA ASN A 46 13.89 12.65 4.32
C ASN A 46 13.36 11.27 3.90
N ALA A 47 12.56 10.66 4.77
CA ALA A 47 12.19 9.27 4.57
C ALA A 47 11.23 9.06 3.41
N ILE A 48 10.37 10.06 3.17
CA ILE A 48 9.38 10.05 2.10
C ILE A 48 9.47 11.40 1.42
N GLN A 49 9.76 11.39 0.13
CA GLN A 49 9.99 12.60 -0.67
C GLN A 49 9.10 12.56 -1.91
N SER A 50 8.07 13.38 -1.94
CA SER A 50 7.21 13.44 -3.11
C SER A 50 7.96 14.02 -4.29
N LEU A 51 7.98 13.33 -5.43
CA LEU A 51 8.49 13.90 -6.65
C LEU A 51 7.43 14.82 -7.29
N LEU A 52 6.22 14.27 -7.46
CA LEU A 52 5.06 15.01 -7.97
C LEU A 52 3.85 14.66 -7.10
N SER A 53 3.08 15.67 -6.73
CA SER A 53 1.80 15.44 -6.04
C SER A 53 0.71 16.23 -6.70
N VAL A 54 -0.52 15.73 -6.51
CA VAL A 54 -1.73 16.38 -6.96
C VAL A 54 -2.75 16.15 -5.86
N GLY A 55 -3.29 17.23 -5.28
CA GLY A 55 -4.17 17.03 -4.15
C GLY A 55 -4.90 18.23 -3.65
N ASN A 56 -5.54 18.01 -2.50
CA ASN A 56 -6.33 19.02 -1.81
C ASN A 56 -5.49 19.51 -0.65
N GLY A 57 -5.03 20.76 -0.76
CA GLY A 57 -4.14 21.36 0.23
C GLY A 57 -4.81 22.07 1.39
N THR A 58 -6.14 22.04 1.44
CA THR A 58 -6.88 22.81 2.44
C THR A 58 -6.94 22.13 3.80
N LYS A 59 -7.23 22.93 4.82
CA LYS A 59 -7.31 22.37 6.17
C LYS A 59 -8.39 21.31 6.30
N GLY A 60 -8.03 20.26 7.03
CA GLY A 60 -8.86 19.10 7.24
C GLY A 60 -8.89 18.07 6.11
N ASN A 61 -8.15 18.31 5.04
CA ASN A 61 -8.16 17.49 3.84
C ASN A 61 -6.80 16.88 3.56
N GLN A 62 -6.03 16.74 4.63
CA GLN A 62 -4.65 16.25 4.55
C GLN A 62 -4.54 14.82 4.08
N ASP A 63 -5.64 14.06 4.07
CA ASP A 63 -5.63 12.70 3.50
C ASP A 63 -6.26 12.61 2.09
N ARG A 64 -6.32 13.73 1.37
CA ARG A 64 -6.90 13.79 0.05
C ARG A 64 -5.82 14.24 -0.92
N HIS A 65 -5.08 13.28 -1.46
CA HIS A 65 -4.00 13.59 -2.39
C HIS A 65 -3.47 12.33 -3.07
N PHE A 66 -2.76 12.59 -4.16
CA PHE A 66 -1.97 11.61 -4.86
C PHE A 66 -0.51 12.07 -4.85
N HIS A 67 0.42 11.14 -4.67
CA HIS A 67 1.81 11.46 -4.96
C HIS A 67 2.61 10.24 -5.40
N LEU A 68 3.61 10.53 -6.22
CA LEU A 68 4.65 9.58 -6.61
C LEU A 68 5.88 10.03 -5.86
N TYR A 69 6.44 9.14 -5.03
CA TYR A 69 7.50 9.49 -4.12
C TYR A 69 8.70 8.55 -4.16
N ILE A 70 9.79 9.03 -3.57
CA ILE A 70 10.99 8.22 -3.36
C ILE A 70 11.31 8.26 -1.86
N THR A 71 12.15 7.32 -1.42
CA THR A 71 12.57 7.26 0.00
C THR A 71 14.06 7.52 0.16
N ASN A 72 14.48 7.69 1.42
CA ASN A 72 15.92 7.78 1.74
C ASN A 72 16.63 6.43 1.80
N ALA A 73 15.98 5.35 1.39
CA ALA A 73 16.58 4.02 1.39
C ALA A 73 16.49 3.37 0.01
N GLY A 74 16.42 4.17 -1.06
CA GLY A 74 16.41 3.62 -2.40
C GLY A 74 15.03 3.12 -2.83
N GLY A 75 13.98 3.55 -2.13
CA GLY A 75 12.63 3.12 -2.42
C GLY A 75 11.90 4.02 -3.38
N VAL A 76 10.86 3.48 -4.00
CA VAL A 76 9.96 4.23 -4.88
C VAL A 76 8.54 3.80 -4.55
N GLY A 77 7.59 4.74 -4.57
CA GLY A 77 6.22 4.37 -4.31
C GLY A 77 5.23 5.40 -4.74
N MET A 78 3.96 5.07 -4.55
CA MET A 78 2.90 6.05 -4.73
C MET A 78 1.82 5.85 -3.69
N GLU A 79 1.10 6.90 -3.37
CA GLU A 79 -0.11 6.79 -2.60
C GLU A 79 -1.19 7.58 -3.25
N LEU A 80 -2.39 7.03 -3.21
CA LEU A 80 -3.55 7.67 -3.81
C LEU A 80 -4.66 7.60 -2.75
N ARG A 81 -5.09 8.77 -2.27
CA ARG A 81 -5.90 8.88 -1.07
C ARG A 81 -7.04 9.88 -1.18
N ASN A 82 -8.20 9.50 -0.64
CA ASN A 82 -9.31 10.45 -0.49
C ASN A 82 -10.02 10.31 0.86
N THR A 83 -9.21 10.25 1.90
CA THR A 83 -9.57 9.79 3.26
C THR A 83 -9.72 8.28 3.26
N ASP A 84 -9.41 7.66 4.40
CA ASP A 84 -9.26 6.20 4.47
C ASP A 84 -10.58 5.44 4.25
N GLY A 85 -11.68 6.07 4.60
CA GLY A 85 -13.02 5.56 4.33
C GLY A 85 -13.35 5.43 2.84
N GLU A 86 -12.77 6.31 2.04
CA GLU A 86 -12.97 6.27 0.59
C GLU A 86 -11.95 5.41 -0.16
N PHE A 87 -10.69 5.75 -0.03
CA PHE A 87 -9.61 4.91 -0.54
C PHE A 87 -8.24 5.36 -0.04
N LYS A 88 -7.38 4.37 0.18
CA LYS A 88 -5.96 4.57 0.49
C LYS A 88 -5.18 3.49 -0.23
N TYR A 89 -4.78 3.79 -1.47
CA TYR A 89 -4.06 2.87 -2.32
C TYR A 89 -2.60 3.26 -2.26
N THR A 90 -1.76 2.30 -1.88
CA THR A 90 -0.32 2.56 -1.62
C THR A 90 0.45 1.50 -2.38
N LEU A 91 1.50 1.88 -3.11
CA LEU A 91 2.39 0.90 -3.71
C LEU A 91 3.78 1.35 -3.28
N ASP A 92 4.49 0.56 -2.52
CA ASP A 92 5.80 0.96 -1.98
C ASP A 92 6.80 -0.13 -2.26
N CYS A 93 7.88 0.21 -2.98
CA CYS A 93 8.87 -0.76 -3.45
C CYS A 93 10.22 -0.44 -2.85
N PRO A 94 10.84 -1.40 -2.15
CA PRO A 94 12.12 -1.12 -1.54
C PRO A 94 13.28 -1.35 -2.48
N ALA A 95 14.40 -0.69 -2.22
CA ALA A 95 15.66 -1.06 -2.87
C ALA A 95 15.50 -1.15 -4.39
N ALA A 96 14.74 -0.22 -4.96
CA ALA A 96 14.44 -0.23 -6.41
C ALA A 96 15.40 0.63 -7.19
N VAL A 97 15.98 1.62 -6.51
CA VAL A 97 16.95 2.54 -7.11
C VAL A 97 18.17 2.52 -6.19
N ARG A 98 19.23 3.24 -6.59
CA ARG A 98 20.57 3.16 -5.99
C ARG A 98 20.93 4.53 -5.40
N GLU A 104 29.28 9.03 -5.02
CA GLU A 104 28.60 9.89 -5.97
C GLU A 104 27.09 9.57 -6.08
N ARG A 105 26.25 10.56 -5.77
CA ARG A 105 24.81 10.46 -6.06
C ARG A 105 24.53 10.26 -7.53
N VAL A 106 23.46 9.54 -7.85
CA VAL A 106 23.15 9.24 -9.25
C VAL A 106 21.71 9.62 -9.59
N SER A 107 21.50 9.84 -10.87
N SER A 107 21.50 9.85 -10.87
CA SER A 107 20.18 10.09 -11.38
CA SER A 107 20.20 10.11 -11.41
C SER A 107 19.44 8.78 -11.51
C SER A 107 19.44 8.80 -11.51
N ASN A 108 18.13 8.86 -11.31
CA ASN A 108 17.25 7.73 -11.46
C ASN A 108 16.06 8.19 -12.26
N THR A 109 15.44 7.26 -12.99
CA THR A 109 14.19 7.53 -13.68
C THR A 109 13.13 6.55 -13.25
N VAL A 110 11.98 7.10 -12.85
CA VAL A 110 10.85 6.26 -12.37
C VAL A 110 9.60 6.65 -13.12
N ALA A 111 8.63 5.75 -13.15
CA ALA A 111 7.36 6.02 -13.79
C ALA A 111 6.23 5.28 -13.11
N LEU A 112 5.06 5.92 -13.13
CA LEU A 112 3.84 5.27 -12.69
C LEU A 112 2.85 5.31 -13.83
N LYS A 113 2.22 4.18 -14.09
CA LYS A 113 1.13 4.07 -15.03
C LYS A 113 -0.17 3.69 -14.28
N ALA A 114 -1.25 4.44 -14.49
CA ALA A 114 -2.57 4.13 -13.92
C ALA A 114 -3.51 3.85 -15.08
N ASP A 115 -3.95 2.61 -15.19
CA ASP A 115 -4.65 2.09 -16.35
C ASP A 115 -6.08 1.77 -15.93
N LYS A 116 -7.01 2.66 -16.28
CA LYS A 116 -8.40 2.53 -15.85
C LYS A 116 -9.07 1.34 -16.48
N GLU A 117 -8.86 1.13 -17.77
CA GLU A 117 -9.51 0.05 -18.51
C GLU A 117 -9.19 -1.31 -17.86
N ASN A 118 -7.94 -1.47 -17.46
CA ASN A 118 -7.48 -2.72 -16.85
C ASN A 118 -7.40 -2.73 -15.33
N LYS A 119 -7.78 -1.62 -14.71
CA LYS A 119 -7.85 -1.45 -13.27
C LYS A 119 -6.52 -1.83 -12.61
N GLN A 120 -5.45 -1.25 -13.15
CA GLN A 120 -4.10 -1.57 -12.75
C GLN A 120 -3.21 -0.36 -12.61
N TYR A 121 -2.31 -0.44 -11.65
CA TYR A 121 -1.23 0.54 -11.44
C TYR A 121 0.07 -0.20 -11.54
N LYS A 122 1.01 0.34 -12.29
CA LYS A 122 2.34 -0.26 -12.47
C LYS A 122 3.38 0.79 -12.19
N LEU A 123 4.39 0.37 -11.45
CA LEU A 123 5.54 1.21 -11.15
C LEU A 123 6.80 0.67 -11.81
N PHE A 124 7.61 1.57 -12.39
CA PHE A 124 8.86 1.24 -13.09
C PHE A 124 9.99 2.06 -12.52
N ALA A 125 11.20 1.51 -12.54
CA ALA A 125 12.40 2.26 -12.13
C ALA A 125 13.57 1.73 -12.94
N ASN A 126 14.26 2.64 -13.63
CA ASN A 126 15.53 2.33 -14.29
C ASN A 126 15.48 1.10 -15.21
N GLY A 127 14.46 1.06 -16.06
CA GLY A 127 14.29 0.02 -17.07
C GLY A 127 13.65 -1.27 -16.58
N GLU A 128 13.00 -1.25 -15.41
CA GLU A 128 12.37 -2.42 -14.84
C GLU A 128 10.98 -2.16 -14.30
N LEU A 129 10.06 -3.08 -14.56
CA LEU A 129 8.76 -3.12 -13.86
C LEU A 129 8.98 -3.69 -12.47
N ILE A 130 8.67 -2.90 -11.44
CA ILE A 130 8.97 -3.27 -10.07
C ILE A 130 7.76 -3.67 -9.24
N ALA A 131 6.57 -3.23 -9.63
CA ALA A 131 5.37 -3.67 -8.95
C ALA A 131 4.15 -3.43 -9.76
N THR A 132 3.12 -4.24 -9.53
CA THR A 132 1.83 -4.08 -10.17
C THR A 132 0.75 -4.23 -9.10
N LEU A 133 -0.21 -3.31 -9.11
CA LEU A 133 -1.36 -3.36 -8.20
C LEU A 133 -2.64 -3.43 -9.06
N ASP A 134 -3.47 -4.45 -8.82
CA ASP A 134 -4.82 -4.55 -9.39
C ASP A 134 -5.84 -4.28 -8.29
N GLN A 135 -6.80 -3.37 -8.50
CA GLN A 135 -7.83 -3.07 -7.50
C GLN A 135 -9.16 -3.22 -8.17
N GLU A 136 -10.07 -3.92 -7.54
CA GLU A 136 -11.42 -4.03 -8.10
C GLU A 136 -12.10 -2.67 -8.27
N ALA A 137 -11.91 -1.77 -7.29
CA ALA A 137 -12.47 -0.43 -7.35
C ALA A 137 -11.34 0.48 -7.77
N PHE A 138 -11.18 0.65 -9.06
CA PHE A 138 -10.10 1.49 -9.57
C PHE A 138 -10.42 2.96 -9.27
N LYS A 139 -9.39 3.70 -8.88
CA LYS A 139 -9.52 5.12 -8.56
C LYS A 139 -8.35 5.85 -9.17
N PHE A 140 -8.55 7.11 -9.50
CA PHE A 140 -7.40 7.97 -9.77
C PHE A 140 -7.67 9.40 -9.33
N ILE A 141 -6.93 10.36 -9.88
CA ILE A 141 -6.92 11.71 -9.36
C ILE A 141 -8.31 12.35 -9.40
N SER A 142 -9.07 12.04 -10.44
CA SER A 142 -10.43 12.57 -10.56
C SER A 142 -11.41 12.12 -9.47
N ASP A 143 -11.07 11.04 -8.77
CA ASP A 143 -11.84 10.59 -7.64
C ASP A 143 -11.55 11.31 -6.33
N ILE A 144 -10.44 12.04 -6.23
CA ILE A 144 -10.11 12.79 -5.02
C ILE A 144 -11.03 14.01 -4.95
N THR A 145 -11.44 14.38 -3.74
CA THR A 145 -12.34 15.51 -3.53
C THR A 145 -11.56 16.80 -3.28
N GLY A 146 -11.88 17.83 -4.06
CA GLY A 146 -11.36 19.17 -3.84
C GLY A 146 -9.89 19.35 -4.18
N VAL A 147 -9.41 18.67 -5.22
CA VAL A 147 -8.03 18.84 -5.70
C VAL A 147 -7.85 20.30 -6.11
N ASP A 148 -6.83 20.96 -5.53
CA ASP A 148 -6.59 22.36 -5.84
C ASP A 148 -5.16 22.71 -6.15
N ASN A 149 -4.28 21.73 -6.17
CA ASN A 149 -2.89 22.02 -6.44
C ASN A 149 -2.13 20.86 -7.05
N VAL A 150 -1.11 21.24 -7.81
CA VAL A 150 -0.12 20.30 -8.38
C VAL A 150 1.25 20.85 -7.99
N MET A 151 2.14 19.99 -7.50
CA MET A 151 3.47 20.45 -7.19
C MET A 151 4.55 19.39 -7.30
N LEU A 152 5.77 19.90 -7.49
CA LEU A 152 6.95 19.08 -7.39
C LEU A 152 7.52 19.17 -6.00
N GLY A 153 8.07 18.04 -5.55
CA GLY A 153 8.96 18.08 -4.39
C GLY A 153 8.31 18.13 -3.05
N GLY A 154 7.01 17.84 -3.01
CA GLY A 154 6.29 17.71 -1.75
C GLY A 154 4.82 17.50 -2.01
N THR A 155 4.04 17.38 -0.95
CA THR A 155 2.59 17.25 -1.00
C THR A 155 2.00 18.27 -0.04
N MET A 156 1.09 19.10 -0.52
CA MET A 156 0.44 20.07 0.35
C MET A 156 -0.55 19.38 1.28
N ARG A 157 -0.33 19.52 2.58
CA ARG A 157 -1.26 19.03 3.60
C ARG A 157 -1.54 20.18 4.55
N GLN A 158 -2.77 20.68 4.48
CA GLN A 158 -3.21 21.82 5.28
C GLN A 158 -2.25 23.00 5.19
N GLY A 159 -1.83 23.31 3.97
CA GLY A 159 -0.96 24.45 3.70
C GLY A 159 0.51 24.27 4.05
N THR A 160 0.91 23.07 4.46
CA THR A 160 2.31 22.75 4.76
C THR A 160 2.88 21.85 3.67
N VAL A 161 4.15 22.06 3.30
CA VAL A 161 4.82 21.14 2.35
C VAL A 161 5.21 19.87 3.10
N ALA A 162 4.47 18.79 2.88
CA ALA A 162 4.76 17.50 3.49
C ALA A 162 5.59 16.67 2.54
N TYR A 163 6.18 15.59 3.06
CA TYR A 163 7.01 14.68 2.29
C TYR A 163 8.04 15.42 1.40
N PRO A 164 8.90 16.24 2.02
CA PRO A 164 9.69 17.21 1.28
C PRO A 164 10.90 16.61 0.61
N PHE A 165 10.99 16.84 -0.70
CA PHE A 165 12.13 16.44 -1.54
C PHE A 165 13.17 17.52 -1.57
N GLY A 166 14.43 17.13 -1.64
CA GLY A 166 15.52 18.04 -1.91
C GLY A 166 16.36 17.44 -3.01
N GLY A 167 16.76 18.30 -3.95
CA GLY A 167 17.61 17.90 -5.05
C GLY A 167 17.14 18.48 -6.39
N SER A 168 17.21 17.66 -7.42
CA SER A 168 16.86 18.07 -8.78
C SER A 168 15.75 17.21 -9.37
N ILE A 169 14.73 17.87 -9.90
CA ILE A 169 13.76 17.21 -10.82
C ILE A 169 14.29 17.51 -12.21
N GLU A 170 14.96 16.51 -12.78
CA GLU A 170 15.65 16.72 -14.04
C GLU A 170 14.66 16.78 -15.20
N ARG A 171 13.68 15.89 -15.22
CA ARG A 171 12.69 15.88 -16.25
C ARG A 171 11.44 15.25 -15.66
N MET A 172 10.30 15.92 -15.82
CA MET A 172 9.01 15.46 -15.33
C MET A 172 7.96 15.58 -16.44
N GLN A 173 7.28 14.48 -16.76
CA GLN A 173 6.24 14.49 -17.75
C GLN A 173 5.03 13.77 -17.22
N VAL A 174 3.88 14.37 -17.41
CA VAL A 174 2.58 13.75 -17.13
C VAL A 174 1.83 13.59 -18.43
N TYR A 175 1.32 12.39 -18.65
CA TYR A 175 0.48 12.05 -19.82
C TYR A 175 -0.93 11.66 -19.36
N ARG A 176 -1.92 12.05 -20.17
CA ARG A 176 -3.26 11.49 -20.04
C ARG A 176 -3.31 10.08 -20.63
N ASP A 177 -2.45 9.81 -21.58
CA ASP A 177 -2.35 8.51 -22.21
C ASP A 177 -1.68 7.51 -21.27
N VAL A 178 -2.05 6.24 -21.46
CA VAL A 178 -1.48 5.13 -20.70
C VAL A 178 -0.43 4.53 -21.59
N LEU A 179 0.84 4.80 -21.26
CA LEU A 179 1.95 4.28 -22.07
C LEU A 179 2.08 2.78 -21.88
N SER A 180 2.62 2.13 -22.90
CA SER A 180 2.83 0.68 -22.86
C SER A 180 3.95 0.35 -21.90
N ASP A 181 3.96 -0.88 -21.41
CA ASP A 181 5.04 -1.32 -20.57
C ASP A 181 6.37 -1.25 -21.29
N ASP A 182 6.42 -1.63 -22.58
CA ASP A 182 7.65 -1.51 -23.35
C ASP A 182 8.17 -0.07 -23.45
N GLU A 183 7.28 0.90 -23.68
CA GLU A 183 7.65 2.34 -23.71
C GLU A 183 8.28 2.73 -22.37
N LEU A 184 7.67 2.30 -21.27
CA LEU A 184 8.15 2.69 -19.95
C LEU A 184 9.45 2.02 -19.56
N ILE A 185 9.64 0.76 -19.96
CA ILE A 185 10.93 0.10 -19.80
C ILE A 185 11.99 0.89 -20.56
N ALA A 186 11.66 1.33 -21.78
CA ALA A 186 12.62 2.08 -22.60
C ALA A 186 12.92 3.46 -22.02
N VAL A 187 11.87 4.25 -21.75
CA VAL A 187 12.09 5.63 -21.25
C VAL A 187 12.68 5.72 -19.84
N THR A 188 12.45 4.74 -18.97
CA THR A 188 13.07 4.75 -17.65
C THR A 188 14.48 4.17 -17.59
N GLY A 189 14.87 3.44 -18.64
N GLY A 189 14.92 3.48 -18.65
CA GLY A 189 16.13 2.70 -18.66
CA GLY A 189 16.30 2.98 -18.72
C GLY A 189 17.18 3.33 -19.54
C GLY A 189 17.28 4.11 -19.00
N SER B 2 -4.95 -27.31 7.21
CA SER B 2 -4.47 -26.07 7.88
C SER B 2 -3.35 -26.43 8.85
N VAL B 3 -2.43 -25.49 9.06
CA VAL B 3 -1.37 -25.68 10.09
C VAL B 3 -1.81 -25.08 11.41
N LEU B 4 -2.82 -24.20 11.37
CA LEU B 4 -3.37 -23.60 12.59
C LEU B 4 -4.81 -23.28 12.31
N GLN B 5 -5.71 -23.61 13.26
CA GLN B 5 -7.14 -23.36 13.06
C GLN B 5 -7.79 -23.04 14.39
N LYS B 6 -8.69 -22.08 14.39
CA LYS B 6 -9.49 -21.72 15.56
C LYS B 6 -10.89 -21.46 15.12
N GLU B 7 -11.84 -21.68 16.02
CA GLU B 7 -13.25 -21.42 15.76
C GLU B 7 -13.99 -20.87 16.98
N GLY B 8 -14.90 -19.93 16.73
CA GLY B 8 -15.81 -19.43 17.76
C GLY B 8 -15.12 -18.66 18.87
N ILE B 9 -14.18 -17.79 18.49
CA ILE B 9 -13.40 -17.03 19.44
C ILE B 9 -13.90 -15.61 19.51
N GLU B 10 -14.46 -15.26 20.66
CA GLU B 10 -14.97 -13.92 20.90
C GLU B 10 -13.95 -13.08 21.64
N ILE B 11 -13.74 -11.85 21.13
CA ILE B 11 -12.68 -10.97 21.58
C ILE B 11 -13.29 -9.65 21.97
N SER B 12 -12.96 -9.22 23.19
CA SER B 12 -13.29 -7.91 23.72
C SER B 12 -12.34 -6.91 23.11
N GLU B 13 -12.88 -5.81 22.61
CA GLU B 13 -12.10 -4.74 22.02
C GLU B 13 -10.93 -4.34 22.92
N GLY B 14 -9.73 -4.45 22.40
CA GLY B 14 -8.56 -4.01 23.10
C GLY B 14 -7.77 -5.17 23.63
N THR B 15 -8.38 -6.35 23.77
CA THR B 15 -7.71 -7.43 24.52
C THR B 15 -6.84 -8.31 23.63
N GLY B 16 -7.35 -8.62 22.43
CA GLY B 16 -6.75 -9.62 21.56
C GLY B 16 -6.92 -11.02 22.12
N TYR B 17 -6.37 -12.00 21.40
CA TYR B 17 -6.44 -13.40 21.79
C TYR B 17 -5.14 -14.02 21.30
N ASP B 18 -4.26 -14.36 22.25
CA ASP B 18 -2.95 -14.85 21.92
C ASP B 18 -3.00 -16.30 21.43
N LEU B 19 -2.35 -16.56 20.30
CA LEU B 19 -2.21 -17.91 19.75
C LEU B 19 -0.76 -18.40 19.79
N SER B 20 0.14 -17.61 20.37
CA SER B 20 1.58 -17.86 20.25
C SER B 20 2.07 -19.20 20.80
N LYS B 21 1.35 -19.78 21.77
CA LYS B 21 1.74 -21.05 22.35
C LYS B 21 1.02 -22.25 21.73
N GLU B 22 0.13 -22.02 20.77
CA GLU B 22 -0.68 -23.10 20.18
C GLU B 22 0.22 -23.98 19.30
N PRO B 23 0.02 -25.32 19.32
CA PRO B 23 0.65 -26.13 18.29
C PRO B 23 0.34 -25.57 16.89
N GLY B 24 1.35 -25.45 16.04
CA GLY B 24 1.20 -24.82 14.73
C GLY B 24 1.64 -23.37 14.66
N ALA B 25 1.64 -22.67 15.81
CA ALA B 25 2.09 -21.27 15.85
C ALA B 25 3.52 -21.09 15.34
N ALA B 26 4.42 -22.01 15.66
CA ALA B 26 5.82 -21.90 15.20
C ALA B 26 5.88 -21.91 13.70
N THR B 27 5.09 -22.79 13.10
CA THR B 27 4.99 -22.87 11.65
C THR B 27 4.46 -21.57 11.04
N VAL B 28 3.40 -21.04 11.63
CA VAL B 28 2.84 -19.76 11.17
C VAL B 28 3.86 -18.60 11.27
N LYS B 29 4.68 -18.59 12.33
CA LYS B 29 5.69 -17.55 12.55
C LYS B 29 6.84 -17.54 11.52
N ALA B 30 6.96 -18.60 10.71
CA ALA B 30 7.98 -18.77 9.69
C ALA B 30 7.44 -18.97 8.27
N LEU B 31 6.17 -18.64 8.01
CA LEU B 31 5.60 -18.91 6.67
C LEU B 31 6.34 -18.17 5.56
N GLU B 32 6.74 -18.93 4.54
CA GLU B 32 7.35 -18.38 3.33
C GLU B 32 6.32 -18.01 2.28
N GLN B 33 5.15 -18.63 2.40
CA GLN B 33 3.99 -18.36 1.55
C GLN B 33 2.83 -19.03 2.25
N GLY B 34 1.64 -18.91 1.67
CA GLY B 34 0.49 -19.60 2.23
C GLY B 34 -0.82 -18.89 2.02
N THR B 35 -1.81 -19.32 2.81
CA THR B 35 -3.17 -18.82 2.66
C THR B 35 -3.81 -18.68 4.02
N ILE B 36 -4.60 -17.62 4.17
CA ILE B 36 -5.26 -17.32 5.42
C ILE B 36 -6.72 -17.07 5.10
N VAL B 37 -7.63 -17.78 5.78
CA VAL B 37 -9.06 -17.63 5.53
C VAL B 37 -9.70 -17.34 6.87
N ILE B 38 -10.48 -16.27 6.95
CA ILE B 38 -11.12 -15.86 8.18
C ILE B 38 -12.57 -15.42 7.98
N SER B 39 -13.47 -16.04 8.74
CA SER B 39 -14.84 -15.57 8.88
C SER B 39 -14.96 -14.83 10.21
N TYR B 40 -15.63 -13.68 10.20
CA TYR B 40 -15.69 -12.82 11.39
C TYR B 40 -16.96 -11.98 11.39
N LYS B 41 -17.26 -11.42 12.57
CA LYS B 41 -18.28 -10.39 12.75
C LYS B 41 -17.69 -9.37 13.67
N THR B 42 -17.63 -8.12 13.24
CA THR B 42 -17.10 -7.09 14.11
C THR B 42 -18.24 -6.40 14.85
N THR B 43 -17.96 -6.04 16.09
CA THR B 43 -18.83 -5.18 16.90
C THR B 43 -18.14 -3.88 17.28
N SER B 44 -16.97 -3.60 16.70
CA SER B 44 -16.15 -2.45 17.09
C SER B 44 -16.22 -1.37 16.01
N GLU B 45 -16.15 -0.12 16.44
CA GLU B 45 -16.00 1.02 15.52
C GLU B 45 -14.56 1.49 15.35
N ASN B 46 -13.59 0.73 15.85
CA ASN B 46 -12.17 1.07 15.63
C ASN B 46 -11.86 1.10 14.13
N ALA B 47 -11.04 2.06 13.74
CA ALA B 47 -10.79 2.31 12.33
C ALA B 47 -10.02 1.18 11.63
N ILE B 48 -9.12 0.53 12.37
CA ILE B 48 -8.27 -0.54 11.85
C ILE B 48 -8.30 -1.64 12.90
N GLN B 49 -8.77 -2.82 12.50
CA GLN B 49 -8.96 -3.95 13.38
C GLN B 49 -8.25 -5.17 12.81
N SER B 50 -7.14 -5.58 13.41
CA SER B 50 -6.46 -6.80 12.92
C SER B 50 -7.33 -8.01 13.22
N LEU B 51 -7.56 -8.85 12.21
CA LEU B 51 -8.14 -10.16 12.45
C LEU B 51 -7.12 -11.17 12.92
N LEU B 52 -6.00 -11.25 12.21
CA LEU B 52 -4.86 -12.12 12.55
C LEU B 52 -3.62 -11.30 12.33
N SER B 53 -2.68 -11.39 13.26
CA SER B 53 -1.35 -10.84 13.07
C SER B 53 -0.27 -11.83 13.44
N VAL B 54 0.89 -11.65 12.82
CA VAL B 54 2.09 -12.45 13.07
C VAL B 54 3.23 -11.44 13.04
N GLY B 55 3.96 -11.31 14.14
CA GLY B 55 4.99 -10.29 14.16
C GLY B 55 5.92 -10.31 15.34
N ASN B 56 6.71 -9.23 15.41
CA ASN B 56 7.69 -8.98 16.43
C ASN B 56 7.08 -7.98 17.39
N GLY B 57 6.78 -8.44 18.59
CA GLY B 57 6.17 -7.61 19.61
C GLY B 57 7.10 -6.87 20.55
N THR B 58 8.39 -6.94 20.31
CA THR B 58 9.39 -6.37 21.21
C THR B 58 9.58 -4.87 21.02
N LYS B 59 10.12 -4.25 22.06
CA LYS B 59 10.39 -2.81 21.98
C LYS B 59 11.28 -2.44 20.81
N GLY B 60 10.92 -1.36 20.15
CA GLY B 60 11.65 -0.85 18.99
C GLY B 60 11.40 -1.56 17.68
N ASN B 61 10.52 -2.57 17.69
CA ASN B 61 10.25 -3.39 16.51
C ASN B 61 8.79 -3.30 16.06
N GLN B 62 8.16 -2.17 16.40
CA GLN B 62 6.77 -1.93 16.11
C GLN B 62 6.41 -1.88 14.62
N ASP B 63 7.41 -1.76 13.73
CA ASP B 63 7.13 -1.84 12.29
C ASP B 63 7.50 -3.18 11.67
N ARG B 64 7.59 -4.22 12.50
CA ARG B 64 7.96 -5.56 12.03
C ARG B 64 6.81 -6.51 12.34
N HIS B 65 5.91 -6.63 11.39
CA HIS B 65 4.76 -7.50 11.56
C HIS B 65 4.00 -7.67 10.24
N PHE B 66 3.15 -8.69 10.25
CA PHE B 66 2.15 -8.93 9.24
C PHE B 66 0.77 -8.89 9.92
N HIS B 67 -0.20 -8.28 9.27
CA HIS B 67 -1.59 -8.48 9.68
C HIS B 67 -2.59 -8.38 8.52
N LEU B 68 -3.67 -9.14 8.68
CA LEU B 68 -4.83 -9.08 7.82
C LEU B 68 -5.91 -8.39 8.66
N TYR B 69 -6.45 -7.28 8.15
CA TYR B 69 -7.30 -6.39 8.96
C TYR B 69 -8.57 -5.96 8.24
N ILE B 70 -9.50 -5.45 9.04
CA ILE B 70 -10.73 -4.84 8.53
C ILE B 70 -10.83 -3.42 9.09
N THR B 71 -11.66 -2.59 8.45
CA THR B 71 -11.89 -1.21 8.92
C THR B 71 -13.32 -1.01 9.39
N ASN B 72 -13.56 0.13 10.02
CA ASN B 72 -14.92 0.50 10.43
C ASN B 72 -15.78 1.06 9.27
N ALA B 73 -15.25 1.01 8.04
CA ALA B 73 -15.97 1.50 6.88
C ALA B 73 -16.13 0.42 5.81
N GLY B 74 -16.11 -0.85 6.22
CA GLY B 74 -16.35 -1.93 5.28
C GLY B 74 -15.11 -2.28 4.47
N GLY B 75 -13.95 -1.84 4.94
CA GLY B 75 -12.68 -2.11 4.23
C GLY B 75 -12.03 -3.39 4.69
N VAL B 76 -11.17 -3.95 3.83
CA VAL B 76 -10.36 -5.11 4.16
C VAL B 76 -8.95 -4.83 3.65
N GLY B 77 -7.93 -5.24 4.39
CA GLY B 77 -6.56 -5.04 3.90
C GLY B 77 -5.56 -5.92 4.58
N MET B 78 -4.32 -5.78 4.15
CA MET B 78 -3.20 -6.40 4.87
C MET B 78 -2.00 -5.48 4.84
N GLU B 79 -1.13 -5.61 5.81
CA GLU B 79 0.18 -5.00 5.73
C GLU B 79 1.23 -6.03 6.08
N LEU B 80 2.35 -5.99 5.38
CA LEU B 80 3.47 -6.88 5.60
C LEU B 80 4.70 -6.01 5.72
N ARG B 81 5.31 -5.96 6.90
CA ARG B 81 6.29 -4.94 7.21
C ARG B 81 7.49 -5.50 7.94
N ASN B 82 8.67 -4.99 7.58
CA ASN B 82 9.89 -5.26 8.38
C ASN B 82 10.77 -4.02 8.57
N THR B 83 10.10 -2.95 8.95
CA THR B 83 10.60 -1.54 8.86
C THR B 83 10.55 -1.08 7.40
N ASP B 84 10.33 0.22 7.21
CA ASP B 84 10.06 0.76 5.86
C ASP B 84 11.25 0.63 4.91
N GLY B 85 12.47 0.70 5.46
CA GLY B 85 13.68 0.51 4.68
C GLY B 85 13.79 -0.89 4.07
N GLU B 86 13.19 -1.87 4.73
CA GLU B 86 13.18 -3.25 4.22
C GLU B 86 12.01 -3.59 3.32
N PHE B 87 10.80 -3.48 3.87
CA PHE B 87 9.58 -3.60 3.11
C PHE B 87 8.37 -3.10 3.88
N LYS B 88 7.43 -2.52 3.12
CA LYS B 88 6.10 -2.16 3.59
C LYS B 88 5.11 -2.43 2.46
N TYR B 89 4.63 -3.67 2.42
CA TYR B 89 3.73 -4.14 1.39
C TYR B 89 2.33 -4.12 1.94
N THR B 90 1.45 -3.50 1.20
CA THR B 90 0.12 -3.22 1.72
C THR B 90 -0.93 -3.52 0.65
N LEU B 91 -2.11 -3.89 1.12
CA LEU B 91 -3.30 -3.85 0.29
C LEU B 91 -4.36 -3.29 1.17
N ASP B 92 -5.13 -2.33 0.66
CA ASP B 92 -6.21 -1.79 1.40
C ASP B 92 -7.36 -1.54 0.43
N CYS B 93 -8.48 -2.22 0.65
CA CYS B 93 -9.60 -2.24 -0.27
C CYS B 93 -10.84 -1.64 0.40
N PRO B 94 -11.50 -0.66 -0.25
CA PRO B 94 -12.61 -0.01 0.40
C PRO B 94 -13.91 -0.71 0.06
N ALA B 95 -14.89 -0.56 0.95
CA ALA B 95 -16.26 -0.98 0.62
C ALA B 95 -16.34 -2.42 0.07
N ALA B 96 -15.53 -3.32 0.64
CA ALA B 96 -15.41 -4.68 0.15
C ALA B 96 -16.34 -5.60 0.87
N VAL B 97 -16.72 -5.21 2.09
CA VAL B 97 -17.66 -5.95 2.92
C VAL B 97 -18.70 -4.94 3.40
N ARG B 98 -19.68 -5.38 4.18
CA ARG B 98 -20.78 -4.48 4.58
C ARG B 98 -20.41 -3.47 5.70
N GLY B 99 -20.41 -2.17 5.35
CA GLY B 99 -19.80 -1.11 6.15
C GLY B 99 -20.52 -0.70 7.42
N ARG B 105 -23.46 -5.98 12.11
CA ARG B 105 -23.76 -7.21 12.84
C ARG B 105 -24.03 -8.33 11.82
N VAL B 106 -23.02 -8.56 10.99
CA VAL B 106 -23.14 -9.34 9.77
C VAL B 106 -21.87 -10.12 9.58
N SER B 107 -21.96 -11.42 9.30
CA SER B 107 -20.74 -12.23 9.09
C SER B 107 -20.13 -11.94 7.71
N ASN B 108 -18.80 -11.94 7.66
CA ASN B 108 -18.06 -11.76 6.42
C ASN B 108 -16.95 -12.80 6.41
N THR B 109 -16.50 -13.18 5.21
CA THR B 109 -15.35 -14.07 5.08
C THR B 109 -14.34 -13.46 4.12
N VAL B 110 -13.09 -13.38 4.59
CA VAL B 110 -12.00 -12.78 3.82
C VAL B 110 -10.86 -13.77 3.73
N ALA B 111 -10.00 -13.59 2.74
CA ALA B 111 -8.81 -14.44 2.62
C ALA B 111 -7.69 -13.71 1.95
N LEU B 112 -6.48 -14.10 2.33
CA LEU B 112 -5.28 -13.60 1.72
C LEU B 112 -4.47 -14.80 1.26
N LYS B 113 -4.00 -14.72 0.03
CA LYS B 113 -3.09 -15.71 -0.52
C LYS B 113 -1.77 -15.01 -0.80
N ALA B 114 -0.65 -15.62 -0.37
CA ALA B 114 0.68 -15.16 -0.69
C ALA B 114 1.38 -16.28 -1.45
N ASP B 115 1.67 -16.01 -2.72
CA ASP B 115 2.12 -17.01 -3.70
C ASP B 115 3.55 -16.67 -4.09
N LYS B 116 4.50 -17.39 -3.51
CA LYS B 116 5.90 -17.09 -3.70
C LYS B 116 6.34 -17.31 -5.14
N GLU B 117 5.90 -18.41 -5.76
CA GLU B 117 6.32 -18.70 -7.14
C GLU B 117 5.95 -17.58 -8.11
N ASN B 118 4.75 -17.05 -7.94
CA ASN B 118 4.23 -15.97 -8.79
C ASN B 118 4.50 -14.56 -8.27
N LYS B 119 5.08 -14.48 -7.06
CA LYS B 119 5.40 -13.21 -6.40
C LYS B 119 4.20 -12.32 -6.26
N GLN B 120 3.09 -12.94 -5.87
CA GLN B 120 1.77 -12.32 -5.84
C GLN B 120 1.08 -12.48 -4.49
N TYR B 121 0.32 -11.46 -4.11
CA TYR B 121 -0.58 -11.45 -2.98
C TYR B 121 -1.96 -11.15 -3.54
N LYS B 122 -2.95 -11.94 -3.16
CA LYS B 122 -4.33 -11.74 -3.57
C LYS B 122 -5.23 -11.73 -2.39
N LEU B 123 -6.13 -10.75 -2.39
CA LEU B 123 -7.10 -10.58 -1.31
C LEU B 123 -8.50 -10.84 -1.84
N PHE B 124 -9.28 -11.60 -1.07
CA PHE B 124 -10.64 -11.99 -1.41
C PHE B 124 -11.59 -11.61 -0.30
N ALA B 125 -12.83 -11.29 -0.64
CA ALA B 125 -13.86 -11.02 0.37
C ALA B 125 -15.18 -11.45 -0.22
N ASN B 126 -15.90 -12.27 0.53
CA ASN B 126 -17.29 -12.63 0.20
C ASN B 126 -17.49 -13.06 -1.23
N GLY B 127 -16.63 -13.97 -1.68
CA GLY B 127 -16.77 -14.58 -2.99
C GLY B 127 -16.19 -13.78 -4.16
N GLU B 128 -15.36 -12.78 -3.87
CA GLU B 128 -14.79 -11.88 -4.91
C GLU B 128 -13.31 -11.63 -4.68
N LEU B 129 -12.53 -11.65 -5.77
CA LEU B 129 -11.15 -11.19 -5.75
C LEU B 129 -11.17 -9.67 -5.79
N ILE B 130 -10.67 -9.01 -4.74
CA ILE B 130 -10.76 -7.56 -4.62
C ILE B 130 -9.46 -6.79 -4.90
N ALA B 131 -8.31 -7.45 -4.79
CA ALA B 131 -7.06 -6.84 -5.17
C ALA B 131 -5.97 -7.87 -5.37
N THR B 132 -5.01 -7.53 -6.22
CA THR B 132 -3.81 -8.35 -6.43
C THR B 132 -2.60 -7.43 -6.40
N LEU B 133 -1.55 -7.87 -5.71
CA LEU B 133 -0.28 -7.16 -5.68
C LEU B 133 0.84 -8.07 -6.19
N ASP B 134 1.63 -7.59 -7.14
CA ASP B 134 2.87 -8.26 -7.54
C ASP B 134 4.05 -7.37 -7.21
N GLN B 135 4.99 -7.89 -6.44
CA GLN B 135 6.21 -7.16 -6.08
C GLN B 135 7.40 -7.90 -6.65
N GLU B 136 8.34 -7.16 -7.25
CA GLU B 136 9.59 -7.75 -7.80
C GLU B 136 10.33 -8.53 -6.72
N ALA B 137 10.37 -8.00 -5.51
CA ALA B 137 11.02 -8.64 -4.37
C ALA B 137 9.96 -9.21 -3.46
N PHE B 138 9.59 -10.46 -3.70
CA PHE B 138 8.53 -11.08 -2.89
C PHE B 138 9.01 -11.32 -1.46
N LYS B 139 8.14 -11.07 -0.50
CA LYS B 139 8.43 -11.25 0.91
C LYS B 139 7.27 -11.93 1.58
N PHE B 140 7.53 -12.66 2.64
CA PHE B 140 6.42 -13.02 3.53
C PHE B 140 6.87 -13.07 4.98
N ILE B 141 6.17 -13.80 5.82
CA ILE B 141 6.38 -13.74 7.24
C ILE B 141 7.81 -14.15 7.62
N SER B 142 8.37 -15.14 6.92
CA SER B 142 9.73 -15.60 7.20
C SER B 142 10.82 -14.55 6.94
N ASP B 143 10.49 -13.49 6.19
CA ASP B 143 11.40 -12.37 5.99
C ASP B 143 11.38 -11.28 7.08
N ILE B 144 10.36 -11.30 7.92
CA ILE B 144 10.26 -10.34 9.04
C ILE B 144 11.32 -10.76 10.06
N THR B 145 11.96 -9.80 10.70
CA THR B 145 12.99 -10.07 11.69
C THR B 145 12.41 -10.19 13.10
N GLY B 146 12.74 -11.29 13.77
CA GLY B 146 12.36 -11.46 15.17
C GLY B 146 10.90 -11.71 15.46
N VAL B 147 10.21 -12.39 14.56
CA VAL B 147 8.78 -12.72 14.80
C VAL B 147 8.69 -13.58 16.06
N ASP B 148 7.85 -13.16 17.00
CA ASP B 148 7.72 -13.90 18.27
C ASP B 148 6.29 -14.13 18.74
N ASN B 149 5.30 -13.72 17.96
CA ASN B 149 3.94 -13.87 18.36
C ASN B 149 2.94 -13.99 17.20
N VAL B 150 1.84 -14.68 17.49
CA VAL B 150 0.71 -14.82 16.61
C VAL B 150 -0.51 -14.48 17.43
N MET B 151 -1.38 -13.64 16.91
CA MET B 151 -2.61 -13.34 17.67
C MET B 151 -3.79 -12.97 16.81
N LEU B 152 -4.96 -13.18 17.41
CA LEU B 152 -6.20 -12.75 16.83
C LEU B 152 -6.58 -11.41 17.44
N GLY B 153 -7.17 -10.57 16.61
CA GLY B 153 -7.85 -9.39 17.11
C GLY B 153 -7.00 -8.21 17.49
N GLY B 154 -5.76 -8.21 17.04
CA GLY B 154 -4.89 -7.07 17.22
C GLY B 154 -3.49 -7.40 16.73
N THR B 155 -2.60 -6.43 16.82
CA THR B 155 -1.16 -6.60 16.45
C THR B 155 -0.28 -6.11 17.58
N MET B 156 0.65 -6.95 18.07
CA MET B 156 1.52 -6.54 19.17
C MET B 156 2.57 -5.57 18.65
N ARG B 157 2.60 -4.38 19.25
CA ARG B 157 3.60 -3.37 18.96
C ARG B 157 4.18 -2.91 20.28
N GLN B 158 5.44 -3.27 20.51
CA GLN B 158 6.14 -2.97 21.77
C GLN B 158 5.31 -3.36 22.99
N GLY B 159 4.71 -4.54 22.94
CA GLY B 159 3.96 -5.09 24.07
C GLY B 159 2.57 -4.55 24.26
N THR B 160 2.08 -3.72 23.33
CA THR B 160 0.74 -3.16 23.37
C THR B 160 -0.10 -3.79 22.26
N VAL B 161 -1.38 -4.04 22.52
CA VAL B 161 -2.31 -4.52 21.49
C VAL B 161 -2.73 -3.34 20.61
N ALA B 162 -2.17 -3.28 19.40
CA ALA B 162 -2.55 -2.27 18.43
C ALA B 162 -3.62 -2.79 17.49
N TYR B 163 -4.25 -1.89 16.75
CA TYR B 163 -5.30 -2.23 15.80
C TYR B 163 -6.35 -3.18 16.38
N PRO B 164 -6.97 -2.77 17.49
CA PRO B 164 -7.81 -3.71 18.25
C PRO B 164 -9.18 -4.02 17.66
N PHE B 165 -9.45 -5.32 17.49
CA PHE B 165 -10.74 -5.85 17.01
C PHE B 165 -11.65 -6.13 18.18
N GLY B 166 -12.94 -5.96 17.94
CA GLY B 166 -13.95 -6.44 18.87
C GLY B 166 -14.95 -7.22 18.07
N GLY B 167 -15.38 -8.35 18.63
CA GLY B 167 -16.38 -9.18 18.01
C GLY B 167 -16.02 -10.64 18.04
N SER B 168 -16.40 -11.37 16.98
CA SER B 168 -16.18 -12.81 16.86
C SER B 168 -15.27 -13.15 15.70
N ILE B 169 -14.22 -13.94 15.99
CA ILE B 169 -13.53 -14.68 14.95
C ILE B 169 -14.22 -16.02 14.86
N GLU B 170 -15.10 -16.14 13.86
CA GLU B 170 -15.95 -17.34 13.72
C GLU B 170 -15.15 -18.55 13.29
N ARG B 171 -14.23 -18.35 12.35
CA ARG B 171 -13.40 -19.41 11.87
C ARG B 171 -12.13 -18.75 11.34
N MET B 172 -10.99 -19.28 11.73
CA MET B 172 -9.70 -18.84 11.24
C MET B 172 -8.87 -20.06 10.85
N GLN B 173 -8.36 -20.08 9.62
CA GLN B 173 -7.49 -21.14 9.15
C GLN B 173 -6.29 -20.56 8.43
N VAL B 174 -5.12 -21.07 8.76
CA VAL B 174 -3.87 -20.71 8.12
C VAL B 174 -3.31 -21.97 7.47
N TYR B 175 -2.97 -21.84 6.20
CA TYR B 175 -2.37 -22.90 5.41
C TYR B 175 -0.97 -22.53 4.95
N ARG B 176 -0.06 -23.51 4.95
CA ARG B 176 1.22 -23.37 4.30
C ARG B 176 1.04 -23.48 2.78
N ASP B 177 -0.02 -24.19 2.36
CA ASP B 177 -0.35 -24.34 0.96
C ASP B 177 -0.96 -23.05 0.39
N VAL B 178 -0.76 -22.86 -0.92
CA VAL B 178 -1.31 -21.73 -1.65
C VAL B 178 -2.55 -22.24 -2.34
N LEU B 179 -3.71 -21.87 -1.83
CA LEU B 179 -5.00 -22.29 -2.41
C LEU B 179 -5.23 -21.62 -3.74
N SER B 180 -6.00 -22.29 -4.59
CA SER B 180 -6.36 -21.76 -5.89
C SER B 180 -7.36 -20.60 -5.74
N ASP B 181 -7.43 -19.77 -6.75
CA ASP B 181 -8.34 -18.62 -6.75
C ASP B 181 -9.77 -19.13 -6.69
N ASP B 182 -10.07 -20.22 -7.42
CA ASP B 182 -11.40 -20.82 -7.31
C ASP B 182 -11.76 -21.28 -5.94
N GLU B 183 -10.84 -21.96 -5.21
CA GLU B 183 -11.15 -22.36 -3.85
C GLU B 183 -11.45 -21.18 -3.02
N LEU B 184 -10.67 -20.09 -3.16
CA LEU B 184 -10.84 -18.92 -2.31
C LEU B 184 -12.11 -18.13 -2.63
N ILE B 185 -12.49 -18.08 -3.89
CA ILE B 185 -13.83 -17.58 -4.27
C ILE B 185 -14.92 -18.41 -3.59
N ALA B 186 -14.77 -19.72 -3.60
CA ALA B 186 -15.77 -20.62 -3.01
C ALA B 186 -15.81 -20.51 -1.51
N VAL B 187 -14.64 -20.63 -0.86
CA VAL B 187 -14.61 -20.63 0.62
C VAL B 187 -14.96 -19.28 1.24
N THR B 188 -14.71 -18.16 0.53
CA THR B 188 -15.12 -16.86 1.05
C THR B 188 -16.57 -16.50 0.74
N GLY B 189 -17.25 -17.31 -0.06
CA GLY B 189 -18.68 -17.17 -0.24
C GLY B 189 -19.49 -17.62 0.97
N LYS B 190 -20.80 -17.51 0.87
CA LYS B 190 -21.72 -18.13 1.87
C LYS B 190 -21.42 -19.62 2.04
#